data_5WI7
#
_entry.id   5WI7
#
_cell.length_a   99.017
_cell.length_b   143.895
_cell.length_c   44.563
_cell.angle_alpha   90.00
_cell.angle_beta   90.00
_cell.angle_gamma   90.00
#
_symmetry.space_group_name_H-M   'P 21 21 2'
#
loop_
_entity.id
_entity.type
_entity.pdbx_description
1 polymer OXA-239
2 non-polymer '(4R,5S)-5-[(2S,3R)-3-hydroxy-1-oxobutan-2-yl]-4-methyl-3-({(3S,5S)-5-[(sulfamoylamino)methyl]pyrrolidin-3-yl}sulfanyl)-4,5-dihydro-1H-pyrrole-2-carboxylic acid'
3 water water
#
_entity_poly.entity_id   1
_entity_poly.type   'polypeptide(L)'
_entity_poly.pdbx_seq_one_letter_code
;MHNLINETPSQIVQGHNQVIHQYFDEKNTSGVLVIQTDKKINLYGNALSRANTEYVPASTFDMLNALIGLENQKTDINEI
FKWKGEKRLFTAWEKDMTLGEAMKLSAVPVYQELARRIGLDLMQKEVKRIGFGNAEIGQQVDNFWLVGPLKVTPIQEVEF
VSQLAHTQLPFSEKVQANVKNMLLLEESNGYKIFGKTGWAMNIKSQVGWLTGWVEQPDGKIVAFALNMEMRSEMPASIRN
ELLMKSLKQLNII
;
_entity_poly.pdbx_strand_id   A,B
#
loop_
_chem_comp.id
_chem_comp.type
_chem_comp.name
_chem_comp.formula
4J6 non-polymer '(4R,5S)-5-[(2S,3R)-3-hydroxy-1-oxobutan-2-yl]-4-methyl-3-({(3S,5S)-5-[(sulfamoylamino)methyl]pyrrolidin-3-yl}sulfanyl)-4,5-dihydro-1H-pyrrole-2-carboxylic acid' 'C15 H26 N4 O6 S2'
#
# COMPACT_ATOMS: atom_id res chain seq x y z
N GLN A 11 6.75 -2.64 17.05
CA GLN A 11 6.31 -3.31 18.31
C GLN A 11 4.95 -2.79 18.77
N ILE A 12 4.12 -3.70 19.29
CA ILE A 12 2.87 -3.35 19.94
C ILE A 12 3.09 -3.53 21.44
N VAL A 13 2.88 -2.47 22.21
CA VAL A 13 3.13 -2.52 23.66
C VAL A 13 2.13 -1.68 24.46
N GLN A 14 1.93 -2.03 25.73
CA GLN A 14 1.12 -1.19 26.60
C GLN A 14 1.89 0.11 26.86
N GLY A 15 1.23 1.26 26.75
CA GLY A 15 1.89 2.56 26.96
C GLY A 15 1.87 2.99 28.42
N HIS A 16 2.33 4.22 28.68
CA HIS A 16 2.16 4.85 30.01
C HIS A 16 0.66 5.13 30.21
N ASN A 17 0.04 4.34 31.09
CA ASN A 17 -1.42 4.15 31.11
C ASN A 17 -2.16 4.46 32.43
N GLN A 18 -1.43 4.82 33.49
CA GLN A 18 -2.07 5.02 34.79
C GLN A 18 -3.24 6.02 34.67
N VAL A 19 -2.99 7.16 34.04
CA VAL A 19 -3.98 8.23 33.96
C VAL A 19 -5.14 7.89 33.00
N ILE A 20 -4.82 7.32 31.85
CA ILE A 20 -5.87 7.02 30.86
C ILE A 20 -6.73 5.83 31.33
N HIS A 21 -6.12 4.86 32.01
CA HIS A 21 -6.86 3.73 32.59
C HIS A 21 -7.95 4.29 33.49
N GLN A 22 -7.54 5.23 34.34
CA GLN A 22 -8.45 5.92 35.22
C GLN A 22 -9.55 6.71 34.44
N TYR A 23 -9.23 7.36 33.32
CA TYR A 23 -10.28 8.04 32.54
C TYR A 23 -11.36 7.07 32.08
N PHE A 24 -10.96 5.88 31.65
CA PHE A 24 -11.94 4.88 31.21
C PHE A 24 -12.80 4.40 32.36
N ASP A 25 -12.19 4.13 33.51
CA ASP A 25 -12.96 3.72 34.70
C ASP A 25 -13.98 4.80 35.10
N GLU A 26 -13.56 6.06 34.99
CA GLU A 26 -14.39 7.18 35.43
C GLU A 26 -15.61 7.36 34.52
N LYS A 27 -15.56 6.83 33.29
CA LYS A 27 -16.73 6.84 32.40
C LYS A 27 -17.56 5.58 32.47
N ASN A 28 -17.26 4.69 33.43
CA ASN A 28 -18.00 3.45 33.58
C ASN A 28 -18.09 2.66 32.29
N THR A 29 -16.96 2.55 31.60
CA THR A 29 -16.91 1.76 30.37
C THR A 29 -15.70 0.84 30.36
N SER A 30 -15.72 -0.08 29.41
CA SER A 30 -14.66 -1.05 29.18
C SER A 30 -14.17 -0.74 27.79
N GLY A 31 -12.91 -0.32 27.69
CA GLY A 31 -12.41 0.23 26.44
C GLY A 31 -10.91 0.21 26.29
N VAL A 32 -10.49 0.37 25.05
CA VAL A 32 -9.09 0.49 24.70
C VAL A 32 -8.90 1.64 23.71
N LEU A 33 -7.74 2.29 23.82
CA LEU A 33 -7.30 3.31 22.88
C LEU A 33 -5.94 2.85 22.34
N VAL A 34 -5.88 2.69 21.01
CA VAL A 34 -4.68 2.24 20.33
C VAL A 34 -4.11 3.47 19.62
N ILE A 35 -2.85 3.77 19.85
CA ILE A 35 -2.19 4.92 19.21
C ILE A 35 -1.02 4.41 18.38
N GLN A 36 -0.96 4.84 17.12
CA GLN A 36 0.17 4.46 16.27
C GLN A 36 0.90 5.71 15.79
N THR A 37 2.17 5.79 16.15
CA THR A 37 3.07 6.86 15.71
C THR A 37 4.25 6.17 15.03
N ASP A 38 4.60 6.58 13.82
CA ASP A 38 5.64 5.86 13.06
C ASP A 38 5.17 4.40 12.92
N LYS A 39 6.03 3.46 13.32
CA LYS A 39 5.64 2.04 13.34
C LYS A 39 5.41 1.52 14.77
N LYS A 40 5.47 2.40 15.78
CA LYS A 40 5.24 2.02 17.20
C LYS A 40 3.76 2.16 17.56
N ILE A 41 3.20 1.10 18.15
CA ILE A 41 1.81 1.07 18.57
C ILE A 41 1.77 0.91 20.09
N ASN A 42 1.03 1.80 20.75
CA ASN A 42 0.85 1.73 22.19
C ASN A 42 -0.62 1.56 22.55
N LEU A 43 -0.87 0.85 23.65
CA LEU A 43 -2.23 0.57 24.10
C LEU A 43 -2.53 1.26 25.41
N TYR A 44 -3.70 1.89 25.48
CA TYR A 44 -4.13 2.59 26.69
C TYR A 44 -5.58 2.20 27.00
N GLY A 45 -5.98 2.40 28.25
CA GLY A 45 -7.37 2.13 28.66
C GLY A 45 -7.48 1.11 29.76
N ASN A 46 -8.68 0.61 29.98
CA ASN A 46 -8.92 -0.32 31.07
C ASN A 46 -9.31 -1.73 30.60
N ALA A 47 -9.30 -1.97 29.29
CA ALA A 47 -9.59 -3.30 28.76
C ALA A 47 -8.69 -3.57 27.57
N LEU A 48 -7.40 -3.75 27.83
CA LEU A 48 -6.40 -3.77 26.73
C LEU A 48 -6.56 -4.98 25.81
N SER A 49 -7.16 -6.05 26.32
CA SER A 49 -7.40 -7.25 25.53
C SER A 49 -8.34 -6.97 24.34
N ARG A 50 -9.12 -5.89 24.41
CA ARG A 50 -9.97 -5.52 23.30
C ARG A 50 -9.14 -5.19 22.05
N ALA A 51 -7.87 -4.82 22.23
CA ALA A 51 -7.05 -4.36 21.09
C ALA A 51 -6.84 -5.44 20.04
N ASN A 52 -6.80 -6.70 20.50
CA ASN A 52 -6.66 -7.87 19.65
C ASN A 52 -7.94 -8.70 19.51
N THR A 53 -9.07 -8.10 19.86
CA THR A 53 -10.35 -8.76 19.74
C THR A 53 -11.04 -8.29 18.48
N GLU A 54 -11.67 -9.21 17.76
CA GLU A 54 -12.37 -8.91 16.52
C GLU A 54 -13.78 -8.37 16.77
N TYR A 55 -14.12 -7.24 16.14
CA TYR A 55 -15.49 -6.70 16.17
C TYR A 55 -15.96 -6.35 14.78
N VAL A 56 -17.28 -6.26 14.58
CA VAL A 56 -17.81 -5.73 13.32
C VAL A 56 -17.30 -4.28 13.20
N PRO A 57 -16.91 -3.87 11.99
CA PRO A 57 -16.41 -2.48 11.83
C PRO A 57 -17.55 -1.44 11.88
N ALA A 58 -18.77 -1.90 11.62
CA ALA A 58 -19.95 -1.05 11.54
C ALA A 58 -19.62 0.13 10.60
N SER A 59 -20.02 1.35 10.96
CA SER A 59 -19.86 2.51 10.07
C SER A 59 -18.41 2.82 9.67
N THR A 60 -17.42 2.35 10.43
CA THR A 60 -16.03 2.61 10.09
C THR A 60 -15.67 2.00 8.72
N PHE A 61 -16.37 0.95 8.30
CA PHE A 61 -16.14 0.37 6.96
C PHE A 61 -16.38 1.35 5.82
N ASP A 62 -17.20 2.37 6.06
CA ASP A 62 -17.53 3.34 5.04
C ASP A 62 -16.27 3.91 4.36
N MET A 63 -15.19 4.04 5.14
CA MET A 63 -13.92 4.54 4.60
C MET A 63 -13.39 3.64 3.48
N LEU A 64 -13.44 2.33 3.68
CA LEU A 64 -12.93 1.38 2.68
C LEU A 64 -13.92 1.20 1.53
N ASN A 65 -15.21 1.25 1.85
CA ASN A 65 -16.28 1.20 0.83
C ASN A 65 -16.09 2.35 -0.17
N ALA A 66 -15.87 3.56 0.37
CA ALA A 66 -15.61 4.75 -0.44
C ALA A 66 -14.38 4.57 -1.33
N LEU A 67 -13.28 4.11 -0.75
CA LEU A 67 -12.04 3.88 -1.50
C LEU A 67 -12.25 2.95 -2.67
N ILE A 68 -12.91 1.81 -2.41
CA ILE A 68 -13.22 0.83 -3.44
C ILE A 68 -14.13 1.39 -4.52
N GLY A 69 -15.17 2.10 -4.11
CA GLY A 69 -16.13 2.67 -5.03
C GLY A 69 -15.51 3.70 -5.95
N LEU A 70 -14.68 4.58 -5.38
CA LEU A 70 -14.04 5.62 -6.18
C LEU A 70 -12.97 5.04 -7.09
N GLU A 71 -12.16 4.13 -6.56
CA GLU A 71 -11.11 3.50 -7.36
C GLU A 71 -11.68 2.84 -8.60
N ASN A 72 -12.82 2.18 -8.43
CA ASN A 72 -13.45 1.43 -9.50
C ASN A 72 -14.51 2.21 -10.28
N GLN A 73 -14.55 3.52 -10.04
CA GLN A 73 -15.41 4.46 -10.77
C GLN A 73 -16.89 4.11 -10.74
N LYS A 74 -17.34 3.58 -9.61
CA LYS A 74 -18.74 3.24 -9.40
C LYS A 74 -19.51 4.47 -8.92
N THR A 75 -18.77 5.50 -8.52
CA THR A 75 -19.31 6.79 -8.12
C THR A 75 -18.18 7.82 -8.27
N ASP A 76 -18.44 9.07 -7.91
CA ASP A 76 -17.41 10.15 -7.90
C ASP A 76 -17.82 11.11 -6.81
N ILE A 77 -16.92 12.01 -6.43
CA ILE A 77 -17.17 12.85 -5.27
C ILE A 77 -18.23 13.93 -5.47
N ASN A 78 -18.68 14.12 -6.70
CA ASN A 78 -19.72 15.11 -6.98
C ASN A 78 -21.12 14.48 -7.13
N GLU A 79 -21.21 13.16 -7.21
CA GLU A 79 -22.50 12.51 -7.39
C GLU A 79 -23.45 12.77 -6.23
N ILE A 80 -24.69 13.14 -6.56
CA ILE A 80 -25.72 13.32 -5.55
C ILE A 80 -26.55 12.05 -5.46
N PHE A 81 -26.46 11.34 -4.33
CA PHE A 81 -27.32 10.18 -4.08
C PHE A 81 -28.71 10.67 -3.67
N LYS A 82 -29.73 10.14 -4.35
CA LYS A 82 -31.09 10.63 -4.22
C LYS A 82 -31.86 9.93 -3.11
N TRP A 83 -32.52 10.72 -2.27
CA TRP A 83 -33.46 10.22 -1.27
C TRP A 83 -34.80 10.10 -1.94
N LYS A 84 -35.35 8.90 -1.94
CA LYS A 84 -36.59 8.61 -2.66
C LYS A 84 -37.87 8.96 -1.89
N GLY A 85 -37.74 9.31 -0.61
CA GLY A 85 -38.89 9.83 0.14
C GLY A 85 -39.33 8.99 1.32
N GLU A 86 -38.70 7.84 1.50
CA GLU A 86 -39.06 6.92 2.59
C GLU A 86 -38.44 7.42 3.89
N LYS A 87 -39.13 7.26 5.01
CA LYS A 87 -38.51 7.63 6.27
C LYS A 87 -37.34 6.67 6.56
N ARG A 88 -36.29 7.24 7.09
CA ARG A 88 -35.05 6.52 7.33
C ARG A 88 -34.83 6.40 8.83
N LEU A 89 -33.81 5.65 9.19
CA LEU A 89 -33.52 5.38 10.60
C LEU A 89 -33.31 6.68 11.41
N PHE A 90 -32.71 7.68 10.77
CA PHE A 90 -32.50 8.99 11.37
C PHE A 90 -32.97 10.09 10.43
N THR A 91 -33.57 11.12 11.01
CA THR A 91 -34.06 12.27 10.25
C THR A 91 -32.96 13.01 9.47
N ALA A 92 -31.77 13.12 10.05
CA ALA A 92 -30.62 13.74 9.36
C ALA A 92 -30.26 13.07 8.02
N TRP A 93 -30.66 11.82 7.83
CA TRP A 93 -30.37 11.10 6.58
C TRP A 93 -31.37 11.33 5.46
N GLU A 94 -32.47 12.02 5.76
CA GLU A 94 -33.59 12.15 4.85
C GLU A 94 -33.37 13.35 3.92
N LYS A 95 -32.38 13.24 3.04
CA LYS A 95 -32.13 14.23 2.01
C LYS A 95 -31.21 13.63 0.95
N ASP A 96 -31.21 14.20 -0.25
CA ASP A 96 -30.16 13.92 -1.22
C ASP A 96 -28.83 14.33 -0.67
N MET A 97 -27.76 13.55 -0.93
CA MET A 97 -26.45 13.90 -0.44
C MET A 97 -25.32 13.26 -1.25
N THR A 98 -24.14 13.85 -1.14
CA THR A 98 -22.93 13.32 -1.75
C THR A 98 -22.36 12.19 -0.91
N LEU A 99 -21.39 11.48 -1.48
CA LEU A 99 -20.65 10.45 -0.77
C LEU A 99 -19.97 11.03 0.47
N GLY A 100 -19.40 12.23 0.37
CA GLY A 100 -18.70 12.84 1.49
C GLY A 100 -19.62 13.27 2.62
N GLU A 101 -20.80 13.77 2.26
CA GLU A 101 -21.79 14.13 3.28
C GLU A 101 -22.31 12.86 3.96
N ALA A 102 -22.50 11.81 3.17
CA ALA A 102 -22.89 10.49 3.71
C ALA A 102 -21.80 9.93 4.63
N MET A 103 -20.54 10.20 4.32
CA MET A 103 -19.44 9.82 5.24
C MET A 103 -19.58 10.49 6.60
N LYS A 104 -19.76 11.81 6.58
CA LYS A 104 -19.88 12.59 7.81
C LYS A 104 -21.08 12.13 8.65
N LEU A 105 -22.20 11.83 8.00
CA LEU A 105 -23.43 11.42 8.68
C LEU A 105 -23.52 9.91 8.93
N SER A 106 -22.60 9.13 8.38
CA SER A 106 -22.67 7.65 8.40
C SER A 106 -24.01 7.16 7.85
N ALA A 107 -24.45 7.75 6.74
CA ALA A 107 -25.75 7.45 6.13
C ALA A 107 -25.71 6.11 5.43
N VAL A 108 -26.13 5.06 6.12
CA VAL A 108 -25.99 3.71 5.62
C VAL A 108 -26.69 3.41 4.29
N PRO A 109 -27.86 4.03 4.02
CA PRO A 109 -28.46 3.72 2.73
C PRO A 109 -27.61 4.06 1.52
N VAL A 110 -26.80 5.12 1.65
CA VAL A 110 -25.89 5.53 0.58
C VAL A 110 -24.78 4.49 0.44
N TYR A 111 -24.18 4.09 1.55
CA TYR A 111 -23.12 3.08 1.52
C TYR A 111 -23.62 1.70 1.10
N GLN A 112 -24.89 1.40 1.40
CA GLN A 112 -25.49 0.15 0.88
C GLN A 112 -25.69 0.22 -0.63
N GLU A 113 -26.18 1.36 -1.12
CA GLU A 113 -26.30 1.56 -2.55
C GLU A 113 -24.96 1.38 -3.26
N LEU A 114 -23.91 1.99 -2.71
CA LEU A 114 -22.58 1.91 -3.30
C LEU A 114 -22.08 0.49 -3.30
N ALA A 115 -22.26 -0.21 -2.17
CA ALA A 115 -21.86 -1.62 -2.07
C ALA A 115 -22.48 -2.47 -3.17
N ARG A 116 -23.76 -2.24 -3.46
N ARG A 116 -23.76 -2.24 -3.46
CA ARG A 116 -24.47 -3.01 -4.49
CA ARG A 116 -24.47 -3.00 -4.49
C ARG A 116 -23.94 -2.71 -5.89
C ARG A 116 -23.94 -2.72 -5.89
N ARG A 117 -23.45 -1.50 -6.12
CA ARG A 117 -22.83 -1.14 -7.41
C ARG A 117 -21.53 -1.86 -7.60
N ILE A 118 -20.75 -1.88 -6.51
CA ILE A 118 -19.47 -2.56 -6.49
C ILE A 118 -19.69 -4.04 -6.79
N GLY A 119 -20.66 -4.63 -6.10
CA GLY A 119 -21.03 -6.02 -6.33
C GLY A 119 -20.16 -6.95 -5.50
N LEU A 120 -20.67 -8.15 -5.25
CA LEU A 120 -20.00 -9.10 -4.35
C LEU A 120 -18.59 -9.51 -4.82
N ASP A 121 -18.45 -9.79 -6.11
CA ASP A 121 -17.17 -10.29 -6.64
CA ASP A 121 -17.17 -10.27 -6.65
C ASP A 121 -16.06 -9.26 -6.42
N LEU A 122 -16.29 -8.03 -6.84
CA LEU A 122 -15.30 -6.96 -6.74
C LEU A 122 -15.04 -6.61 -5.27
N MET A 123 -16.11 -6.55 -4.47
CA MET A 123 -15.98 -6.25 -3.04
C MET A 123 -15.12 -7.27 -2.33
N GLN A 124 -15.38 -8.56 -2.53
CA GLN A 124 -14.57 -9.59 -1.88
C GLN A 124 -13.12 -9.58 -2.39
N LYS A 125 -12.91 -9.36 -3.69
CA LYS A 125 -11.56 -9.32 -4.24
C LYS A 125 -10.76 -8.17 -3.62
N GLU A 126 -11.40 -7.00 -3.50
CA GLU A 126 -10.77 -5.80 -2.93
C GLU A 126 -10.50 -5.93 -1.45
N VAL A 127 -11.48 -6.43 -0.70
CA VAL A 127 -11.32 -6.59 0.72
C VAL A 127 -10.21 -7.59 1.03
N LYS A 128 -10.10 -8.63 0.22
CA LYS A 128 -9.01 -9.62 0.37
C LYS A 128 -7.66 -8.99 0.02
N ARG A 129 -7.62 -8.20 -1.05
CA ARG A 129 -6.38 -7.53 -1.46
C ARG A 129 -5.87 -6.61 -0.37
N ILE A 130 -6.75 -5.77 0.16
CA ILE A 130 -6.41 -4.88 1.27
C ILE A 130 -6.06 -5.68 2.53
N GLY A 131 -6.78 -6.79 2.74
CA GLY A 131 -6.58 -7.62 3.93
C GLY A 131 -7.15 -6.96 5.16
N PHE A 132 -8.33 -6.36 5.01
CA PHE A 132 -8.99 -5.68 6.11
C PHE A 132 -9.63 -6.68 7.07
N GLY A 133 -9.15 -6.68 8.31
CA GLY A 133 -9.69 -7.60 9.30
C GLY A 133 -9.57 -9.04 8.85
N ASN A 134 -10.63 -9.82 9.09
CA ASN A 134 -10.63 -11.20 8.67
C ASN A 134 -10.92 -11.34 7.17
N ALA A 135 -11.24 -10.21 6.52
CA ALA A 135 -11.43 -10.16 5.08
C ALA A 135 -12.55 -11.08 4.58
N GLU A 136 -13.56 -11.32 5.41
CA GLU A 136 -14.67 -12.22 5.06
C GLU A 136 -15.93 -11.38 4.81
N ILE A 137 -16.50 -11.45 3.61
CA ILE A 137 -17.73 -10.69 3.38
C ILE A 137 -18.99 -11.55 3.13
N GLY A 138 -18.82 -12.86 2.99
CA GLY A 138 -19.95 -13.78 2.84
C GLY A 138 -20.67 -13.59 1.52
N GLN A 139 -21.99 -13.78 1.53
CA GLN A 139 -22.80 -13.73 0.32
C GLN A 139 -23.73 -12.50 0.22
N GLN A 140 -23.85 -11.75 1.31
CA GLN A 140 -24.72 -10.57 1.37
CA GLN A 140 -24.72 -10.56 1.34
C GLN A 140 -23.89 -9.27 1.22
N VAL A 141 -23.83 -8.71 0.01
CA VAL A 141 -22.98 -7.54 -0.29
C VAL A 141 -23.37 -6.25 0.44
N ASP A 142 -24.63 -6.15 0.87
CA ASP A 142 -25.12 -4.88 1.45
C ASP A 142 -25.16 -4.75 2.99
N ASN A 143 -24.69 -5.76 3.73
CA ASN A 143 -24.65 -5.62 5.20
C ASN A 143 -23.58 -6.41 5.94
N PHE A 144 -22.58 -6.89 5.20
CA PHE A 144 -21.53 -7.71 5.78
C PHE A 144 -20.66 -7.00 6.82
N TRP A 145 -20.57 -5.66 6.71
CA TRP A 145 -19.81 -4.83 7.65
C TRP A 145 -20.63 -4.43 8.88
N LEU A 146 -21.93 -4.71 8.87
CA LEU A 146 -22.84 -4.32 9.96
C LEU A 146 -23.14 -5.46 10.93
N VAL A 147 -23.37 -6.66 10.39
CA VAL A 147 -23.83 -7.80 11.19
C VAL A 147 -22.92 -9.03 11.10
N GLY A 148 -21.75 -8.88 10.50
CA GLY A 148 -20.87 -10.01 10.20
C GLY A 148 -21.11 -10.48 8.79
N PRO A 149 -20.22 -11.34 8.25
CA PRO A 149 -19.08 -11.99 8.91
C PRO A 149 -17.82 -11.15 9.01
N LEU A 150 -17.79 -9.96 8.42
CA LEU A 150 -16.57 -9.15 8.46
C LEU A 150 -16.30 -8.64 9.87
N LYS A 151 -15.11 -8.93 10.38
CA LYS A 151 -14.67 -8.42 11.66
C LYS A 151 -13.24 -7.95 11.57
N VAL A 152 -12.87 -7.08 12.51
CA VAL A 152 -11.58 -6.38 12.48
C VAL A 152 -11.21 -5.99 13.92
N THR A 153 -9.93 -6.05 14.25
CA THR A 153 -9.45 -5.63 15.58
C THR A 153 -9.08 -4.14 15.59
N PRO A 154 -9.10 -3.51 16.79
CA PRO A 154 -8.68 -2.11 16.88
C PRO A 154 -7.27 -1.85 16.36
N ILE A 155 -6.36 -2.80 16.57
CA ILE A 155 -5.02 -2.71 16.04
C ILE A 155 -5.04 -2.69 14.51
N GLN A 156 -5.83 -3.55 13.91
CA GLN A 156 -5.99 -3.57 12.47
C GLN A 156 -6.58 -2.26 11.94
N GLU A 157 -7.55 -1.70 12.69
CA GLU A 157 -8.16 -0.43 12.29
C GLU A 157 -7.17 0.74 12.36
N VAL A 158 -6.37 0.81 13.42
CA VAL A 158 -5.40 1.92 13.51
C VAL A 158 -4.33 1.81 12.41
N GLU A 159 -3.94 0.58 12.07
CA GLU A 159 -2.99 0.34 10.97
C GLU A 159 -3.57 0.76 9.62
N PHE A 160 -4.82 0.41 9.38
CA PHE A 160 -5.53 0.82 8.17
C PHE A 160 -5.61 2.34 8.05
N VAL A 161 -6.05 3.01 9.11
CA VAL A 161 -6.25 4.42 9.04
C VAL A 161 -4.90 5.19 9.00
N SER A 162 -3.87 4.63 9.64
CA SER A 162 -2.52 5.17 9.53
C SER A 162 -2.02 5.14 8.07
N GLN A 163 -2.28 4.03 7.39
CA GLN A 163 -1.90 3.91 5.99
C GLN A 163 -2.67 4.88 5.12
N LEU A 164 -3.97 5.05 5.38
CA LEU A 164 -4.77 6.06 4.66
C LEU A 164 -4.15 7.45 4.84
N ALA A 165 -3.90 7.84 6.09
CA ALA A 165 -3.32 9.14 6.41
C ALA A 165 -1.99 9.41 5.71
N HIS A 166 -1.13 8.39 5.62
CA HIS A 166 0.12 8.48 4.91
C HIS A 166 0.08 8.22 3.38
N THR A 167 -1.11 7.99 2.83
CA THR A 167 -1.27 7.68 1.40
C THR A 167 -0.44 6.43 1.03
N GLN A 168 -0.48 5.42 1.90
CA GLN A 168 0.24 4.16 1.70
C GLN A 168 -0.69 2.98 1.38
N LEU A 169 -1.98 3.20 1.32
CA LEU A 169 -2.90 2.13 0.92
C LEU A 169 -2.71 1.87 -0.56
N PRO A 170 -3.04 0.66 -1.01
CA PRO A 170 -2.85 0.32 -2.41
C PRO A 170 -4.05 0.74 -3.29
N PHE A 171 -4.26 2.05 -3.34
CA PHE A 171 -5.23 2.71 -4.16
C PHE A 171 -4.56 3.93 -4.78
N SER A 172 -5.23 4.55 -5.75
CA SER A 172 -4.69 5.75 -6.36
C SER A 172 -4.53 6.85 -5.32
N GLU A 173 -3.51 7.67 -5.54
CA GLU A 173 -3.23 8.79 -4.67
C GLU A 173 -4.42 9.74 -4.59
N LYS A 174 -5.01 10.07 -5.73
CA LYS A 174 -6.18 10.97 -5.76
C LYS A 174 -7.38 10.41 -4.98
N VAL A 175 -7.62 9.10 -5.12
CA VAL A 175 -8.73 8.47 -4.43
C VAL A 175 -8.51 8.57 -2.92
N GLN A 176 -7.28 8.31 -2.48
CA GLN A 176 -6.97 8.39 -1.06
C GLN A 176 -7.14 9.82 -0.55
N ALA A 177 -6.64 10.80 -1.31
CA ALA A 177 -6.77 12.20 -0.92
C ALA A 177 -8.24 12.59 -0.79
N ASN A 178 -9.06 12.11 -1.72
CA ASN A 178 -10.49 12.43 -1.74
C ASN A 178 -11.25 11.84 -0.55
N VAL A 179 -10.89 10.62 -0.14
CA VAL A 179 -11.49 10.04 1.06
C VAL A 179 -10.99 10.71 2.34
N LYS A 180 -9.69 10.97 2.44
CA LYS A 180 -9.18 11.78 3.57
C LYS A 180 -9.96 13.09 3.73
N ASN A 181 -10.22 13.77 2.61
CA ASN A 181 -10.94 15.05 2.65
C ASN A 181 -12.37 14.98 3.19
N MET A 182 -12.97 13.78 3.21
CA MET A 182 -14.32 13.58 3.73
C MET A 182 -14.32 13.38 5.23
N LEU A 183 -13.15 13.24 5.84
CA LEU A 183 -13.05 12.79 7.24
C LEU A 183 -12.65 13.83 8.27
N LEU A 184 -12.51 15.11 7.89
CA LEU A 184 -12.04 16.13 8.85
C LEU A 184 -13.12 16.40 9.92
N LEU A 185 -12.78 16.19 11.19
CA LEU A 185 -13.74 16.31 12.30
C LEU A 185 -13.62 17.62 13.06
N GLU A 186 -12.38 18.04 13.34
CA GLU A 186 -12.14 19.21 14.17
CA GLU A 186 -12.16 19.22 14.16
C GLU A 186 -10.77 19.80 13.83
N GLU A 187 -10.62 21.09 14.04
CA GLU A 187 -9.40 21.80 13.69
C GLU A 187 -9.21 22.98 14.65
N SER A 188 -8.05 23.05 15.29
CA SER A 188 -7.72 24.17 16.18
C SER A 188 -6.24 24.17 16.57
N ASN A 189 -5.69 25.37 16.78
CA ASN A 189 -4.31 25.54 17.22
CA ASN A 189 -4.31 25.54 17.22
C ASN A 189 -3.30 24.87 16.27
N GLY A 190 -3.65 24.83 14.98
CA GLY A 190 -2.81 24.20 13.97
C GLY A 190 -2.94 22.69 13.80
N TYR A 191 -3.61 22.03 14.74
CA TYR A 191 -3.81 20.58 14.72
C TYR A 191 -5.12 20.26 14.01
N LYS A 192 -5.10 19.22 13.16
CA LYS A 192 -6.33 18.73 12.53
C LYS A 192 -6.60 17.34 13.07
N ILE A 193 -7.89 17.06 13.31
CA ILE A 193 -8.31 15.73 13.72
C ILE A 193 -9.27 15.17 12.65
N PHE A 194 -8.90 14.03 12.08
CA PHE A 194 -9.71 13.34 11.09
C PHE A 194 -10.21 12.08 11.74
N GLY A 195 -11.39 11.64 11.34
CA GLY A 195 -11.87 10.40 11.88
C GLY A 195 -13.26 10.01 11.52
N LYS A 196 -13.65 8.87 12.07
CA LYS A 196 -14.87 8.23 11.73
C LYS A 196 -15.35 7.51 12.97
N THR A 197 -16.59 7.75 13.36
CA THR A 197 -17.22 6.99 14.45
C THR A 197 -18.04 5.81 13.91
N GLY A 198 -18.33 4.89 14.82
CA GLY A 198 -19.19 3.75 14.53
C GLY A 198 -19.81 3.22 15.81
N TRP A 199 -21.00 2.65 15.65
CA TRP A 199 -21.72 2.08 16.78
C TRP A 199 -22.57 0.96 16.24
N ALA A 200 -22.24 -0.26 16.63
CA ALA A 200 -23.10 -1.43 16.41
C ALA A 200 -24.06 -1.53 17.58
N MET A 201 -25.29 -1.05 17.35
CA MET A 201 -26.28 -0.88 18.41
C MET A 201 -27.12 -2.13 18.68
N ASN A 202 -27.21 -3.02 17.70
CA ASN A 202 -28.24 -4.06 17.76
C ASN A 202 -27.67 -5.43 18.09
N ILE A 203 -26.88 -5.47 19.17
CA ILE A 203 -26.26 -6.72 19.63
C ILE A 203 -26.14 -6.73 21.17
N LYS A 204 -25.86 -7.91 21.72
CA LYS A 204 -25.77 -8.09 23.16
C LYS A 204 -24.64 -7.25 23.77
N SER A 205 -23.52 -7.15 23.05
CA SER A 205 -22.39 -6.32 23.48
C SER A 205 -22.13 -5.20 22.45
N GLN A 206 -22.75 -4.04 22.69
CA GLN A 206 -22.69 -2.94 21.75
C GLN A 206 -21.26 -2.43 21.63
N VAL A 207 -20.79 -2.24 20.41
CA VAL A 207 -19.42 -1.80 20.19
C VAL A 207 -19.42 -0.39 19.64
N GLY A 208 -18.59 0.46 20.27
CA GLY A 208 -18.37 1.83 19.83
C GLY A 208 -16.96 2.04 19.30
N TRP A 209 -16.88 2.68 18.14
CA TRP A 209 -15.61 2.97 17.47
C TRP A 209 -15.43 4.49 17.31
N LEU A 210 -14.19 4.96 17.44
CA LEU A 210 -13.75 6.26 16.91
C LEU A 210 -12.31 6.08 16.40
N THR A 211 -12.13 6.12 15.09
CA THR A 211 -10.89 5.74 14.45
C THR A 211 -10.49 6.86 13.51
N GLY A 212 -9.24 7.24 13.57
CA GLY A 212 -8.77 8.36 12.75
C GLY A 212 -7.34 8.74 13.01
N TRP A 213 -7.04 10.00 12.78
CA TRP A 213 -5.70 10.52 13.07
C TRP A 213 -5.65 11.99 13.36
N VAL A 214 -4.57 12.38 14.03
CA VAL A 214 -4.19 13.77 14.25
C VAL A 214 -3.09 14.13 13.26
N GLU A 215 -3.26 15.25 12.57
CA GLU A 215 -2.18 15.87 11.83
C GLU A 215 -1.72 17.07 12.62
N GLN A 216 -0.48 16.99 13.10
CA GLN A 216 0.10 18.01 13.94
C GLN A 216 0.58 19.20 13.07
N PRO A 217 0.91 20.35 13.68
CA PRO A 217 1.27 21.53 12.85
C PRO A 217 2.39 21.30 11.83
N ASP A 218 3.41 20.53 12.23
CA ASP A 218 4.53 20.17 11.32
C ASP A 218 4.23 19.05 10.31
N GLY A 219 3.00 18.54 10.31
CA GLY A 219 2.60 17.53 9.37
C GLY A 219 2.68 16.10 9.90
N LYS A 220 3.28 15.91 11.07
CA LYS A 220 3.38 14.58 11.65
C LYS A 220 1.99 13.99 11.94
N ILE A 221 1.87 12.69 11.70
CA ILE A 221 0.62 11.97 11.83
C ILE A 221 0.67 11.06 13.07
N VAL A 222 -0.35 11.17 13.91
CA VAL A 222 -0.55 10.23 15.00
C VAL A 222 -1.94 9.62 14.86
N ALA A 223 -1.97 8.32 14.57
CA ALA A 223 -3.24 7.62 14.30
C ALA A 223 -3.80 7.01 15.58
N PHE A 224 -5.13 6.91 15.66
CA PHE A 224 -5.81 6.36 16.83
C PHE A 224 -6.97 5.44 16.44
N ALA A 225 -7.26 4.50 17.33
CA ALA A 225 -8.50 3.76 17.26
C ALA A 225 -9.00 3.51 18.67
N LEU A 226 -10.12 4.15 18.99
CA LEU A 226 -10.82 3.96 20.24
C LEU A 226 -11.90 2.90 20.03
N ASN A 227 -11.93 1.90 20.90
CA ASN A 227 -12.92 0.86 20.84
C ASN A 227 -13.41 0.56 22.24
N MET A 228 -14.72 0.69 22.46
CA MET A 228 -15.29 0.56 23.79
C MET A 228 -16.70 -0.02 23.76
N GLU A 229 -17.12 -0.56 24.90
CA GLU A 229 -18.46 -1.07 25.05
C GLU A 229 -19.42 0.09 25.28
N MET A 230 -20.46 0.18 24.44
CA MET A 230 -21.43 1.26 24.55
C MET A 230 -22.66 0.81 25.31
N ARG A 231 -23.33 1.77 25.95
CA ARG A 231 -24.67 1.59 26.48
C ARG A 231 -25.57 2.73 26.04
N SER A 232 -26.88 2.46 25.95
CA SER A 232 -27.87 3.46 25.56
C SER A 232 -27.88 4.70 26.46
N GLU A 233 -27.58 4.49 27.74
CA GLU A 233 -27.61 5.55 28.74
C GLU A 233 -26.45 6.55 28.62
N MET A 234 -25.45 6.22 27.81
CA MET A 234 -24.29 7.09 27.66
C MET A 234 -24.63 8.37 26.91
N PRO A 235 -24.11 9.53 27.40
CA PRO A 235 -24.31 10.77 26.65
C PRO A 235 -23.67 10.70 25.28
N ALA A 236 -24.15 11.55 24.40
CA ALA A 236 -23.85 11.45 22.97
C ALA A 236 -22.37 11.62 22.58
N SER A 237 -21.68 12.47 23.31
CA SER A 237 -20.33 12.87 22.95
C SER A 237 -19.25 11.95 23.56
N ILE A 238 -19.63 10.83 24.18
CA ILE A 238 -18.69 10.14 25.08
C ILE A 238 -17.40 9.62 24.43
N ARG A 239 -17.50 9.14 23.19
CA ARG A 239 -16.34 8.63 22.48
C ARG A 239 -15.36 9.79 22.19
N ASN A 240 -15.89 10.90 21.67
CA ASN A 240 -15.06 12.09 21.37
C ASN A 240 -14.47 12.65 22.65
N GLU A 241 -15.27 12.68 23.72
CA GLU A 241 -14.82 13.24 24.97
C GLU A 241 -13.64 12.44 25.56
N LEU A 242 -13.74 11.11 25.56
CA LEU A 242 -12.66 10.26 26.07
C LEU A 242 -11.41 10.39 25.19
N LEU A 243 -11.62 10.44 23.87
CA LEU A 243 -10.51 10.54 22.94
C LEU A 243 -9.69 11.81 23.20
N MET A 244 -10.37 12.95 23.22
CA MET A 244 -9.70 14.25 23.32
C MET A 244 -8.98 14.39 24.64
N LYS A 245 -9.61 13.94 25.72
CA LYS A 245 -8.94 13.91 27.02
C LYS A 245 -7.64 13.12 26.96
N SER A 246 -7.69 11.99 26.29
CA SER A 246 -6.57 11.07 26.28
C SER A 246 -5.45 11.62 25.39
N LEU A 247 -5.83 12.16 24.24
CA LEU A 247 -4.85 12.78 23.35
C LEU A 247 -4.11 13.95 24.03
N LYS A 248 -4.85 14.77 24.76
CA LYS A 248 -4.24 15.89 25.50
C LYS A 248 -3.26 15.37 26.55
N GLN A 249 -3.67 14.33 27.27
CA GLN A 249 -2.82 13.77 28.33
C GLN A 249 -1.52 13.22 27.76
N LEU A 250 -1.59 12.63 26.56
CA LEU A 250 -0.40 12.07 25.89
C LEU A 250 0.41 13.13 25.11
N ASN A 251 -0.02 14.40 25.20
CA ASN A 251 0.58 15.51 24.47
C ASN A 251 0.64 15.35 22.96
N ILE A 252 -0.34 14.66 22.40
CA ILE A 252 -0.49 14.50 20.98
C ILE A 252 -1.20 15.75 20.42
N ILE A 253 -2.06 16.34 21.23
CA ILE A 253 -2.64 17.65 20.95
C ILE A 253 -2.44 18.55 22.17
N HIS B 16 19.93 -27.08 -1.37
CA HIS B 16 19.58 -26.19 -2.52
C HIS B 16 20.66 -25.13 -2.81
N ASN B 17 21.31 -24.57 -1.78
CA ASN B 17 22.26 -23.49 -2.04
C ASN B 17 23.63 -24.06 -2.37
N GLN B 18 23.89 -25.30 -2.00
CA GLN B 18 25.14 -25.95 -2.40
C GLN B 18 25.37 -25.76 -3.89
N VAL B 19 24.36 -26.11 -4.67
CA VAL B 19 24.47 -26.05 -6.12
C VAL B 19 24.44 -24.61 -6.65
N ILE B 20 23.60 -23.75 -6.08
CA ILE B 20 23.49 -22.38 -6.56
C ILE B 20 24.76 -21.60 -6.25
N HIS B 21 25.37 -21.86 -5.09
CA HIS B 21 26.66 -21.26 -4.72
C HIS B 21 27.70 -21.60 -5.79
N GLN B 22 27.72 -22.86 -6.19
CA GLN B 22 28.56 -23.37 -7.27
C GLN B 22 28.29 -22.65 -8.62
N TYR B 23 27.02 -22.42 -8.95
CA TYR B 23 26.68 -21.71 -10.20
C TYR B 23 27.41 -20.36 -10.27
N PHE B 24 27.50 -19.65 -9.16
CA PHE B 24 28.23 -18.37 -9.15
C PHE B 24 29.77 -18.50 -9.17
N ASP B 25 30.31 -19.43 -8.39
CA ASP B 25 31.75 -19.66 -8.35
C ASP B 25 32.35 -19.99 -9.71
N GLU B 26 31.65 -20.80 -10.49
CA GLU B 26 32.19 -21.26 -11.76
C GLU B 26 32.30 -20.10 -12.78
N LYS B 27 31.51 -19.03 -12.59
CA LYS B 27 31.60 -17.83 -13.44
C LYS B 27 32.61 -16.80 -12.89
N ASN B 28 33.34 -17.12 -11.82
CA ASN B 28 34.34 -16.23 -11.22
C ASN B 28 33.73 -14.86 -10.89
N THR B 29 32.54 -14.88 -10.34
CA THR B 29 31.85 -13.66 -9.97
C THR B 29 31.29 -13.75 -8.56
N SER B 30 30.88 -12.60 -8.03
CA SER B 30 30.25 -12.50 -6.73
C SER B 30 28.78 -12.22 -6.94
N GLY B 31 27.89 -13.02 -6.37
CA GLY B 31 26.47 -12.81 -6.57
C GLY B 31 25.58 -13.36 -5.50
N VAL B 32 24.37 -12.80 -5.45
CA VAL B 32 23.32 -13.26 -4.58
C VAL B 32 22.00 -13.36 -5.35
N LEU B 33 21.17 -14.32 -4.95
CA LEU B 33 19.81 -14.46 -5.46
C LEU B 33 18.89 -14.47 -4.25
N VAL B 34 17.97 -13.50 -4.22
CA VAL B 34 17.02 -13.33 -3.14
C VAL B 34 15.68 -13.81 -3.64
N ILE B 35 15.05 -14.72 -2.91
CA ILE B 35 13.75 -15.25 -3.29
C ILE B 35 12.74 -14.93 -2.19
N GLN B 36 11.60 -14.34 -2.55
CA GLN B 36 10.54 -14.07 -1.59
C GLN B 36 9.25 -14.80 -1.96
N THR B 37 8.81 -15.67 -1.07
CA THR B 37 7.55 -16.39 -1.19
C THR B 37 6.74 -16.07 0.06
N ASP B 38 5.50 -15.63 -0.09
CA ASP B 38 4.71 -15.15 1.06
C ASP B 38 5.49 -14.01 1.71
N LYS B 39 5.75 -14.11 3.02
CA LYS B 39 6.61 -13.14 3.71
C LYS B 39 8.00 -13.71 4.07
N LYS B 40 8.31 -14.94 3.60
CA LYS B 40 9.61 -15.57 3.84
C LYS B 40 10.61 -15.23 2.73
N ILE B 41 11.79 -14.77 3.11
CA ILE B 41 12.85 -14.42 2.17
C ILE B 41 14.05 -15.34 2.39
N ASN B 42 14.53 -15.97 1.31
CA ASN B 42 15.71 -16.83 1.35
C ASN B 42 16.81 -16.30 0.46
N LEU B 43 18.06 -16.53 0.86
CA LEU B 43 19.23 -16.04 0.14
C LEU B 43 20.04 -17.20 -0.43
N TYR B 44 20.43 -17.09 -1.70
CA TYR B 44 21.27 -18.10 -2.37
C TYR B 44 22.44 -17.41 -3.07
N GLY B 45 23.51 -18.16 -3.36
CA GLY B 45 24.66 -17.62 -4.08
C GLY B 45 25.96 -17.72 -3.31
N ASN B 46 26.99 -17.02 -3.78
CA ASN B 46 28.31 -17.09 -3.17
C ASN B 46 28.74 -15.82 -2.45
N ALA B 47 27.86 -14.81 -2.43
CA ALA B 47 28.16 -13.54 -1.79
C ALA B 47 26.90 -13.00 -1.14
N LEU B 48 26.46 -13.67 -0.08
CA LEU B 48 25.16 -13.40 0.53
C LEU B 48 25.09 -12.01 1.18
N SER B 49 26.24 -11.45 1.55
CA SER B 49 26.30 -10.08 2.09
C SER B 49 25.83 -9.02 1.08
N ARG B 50 25.85 -9.34 -0.20
CA ARG B 50 25.35 -8.43 -1.22
C ARG B 50 23.86 -8.13 -0.98
N ALA B 51 23.14 -9.04 -0.34
CA ALA B 51 21.69 -8.91 -0.20
C ALA B 51 21.29 -7.66 0.58
N ASN B 52 22.13 -7.27 1.52
CA ASN B 52 21.94 -6.05 2.33
C ASN B 52 22.91 -4.92 1.99
N THR B 53 23.50 -4.98 0.80
CA THR B 53 24.42 -3.93 0.35
C THR B 53 23.67 -3.03 -0.62
N GLU B 54 23.91 -1.73 -0.52
CA GLU B 54 23.24 -0.75 -1.37
C GLU B 54 23.95 -0.59 -2.71
N TYR B 55 23.19 -0.64 -3.80
CA TYR B 55 23.71 -0.38 -5.14
C TYR B 55 22.78 0.57 -5.87
N VAL B 56 23.31 1.23 -6.90
CA VAL B 56 22.44 2.00 -7.79
C VAL B 56 21.45 1.02 -8.43
N PRO B 57 20.17 1.42 -8.56
CA PRO B 57 19.19 0.51 -9.17
C PRO B 57 19.39 0.33 -10.67
N ALA B 58 20.06 1.31 -11.28
CA ALA B 58 20.24 1.38 -12.71
C ALA B 58 18.88 1.22 -13.38
N SER B 59 18.81 0.46 -14.49
CA SER B 59 17.55 0.34 -15.25
C SER B 59 16.36 -0.19 -14.46
N THR B 60 16.57 -0.87 -13.34
CA THR B 60 15.46 -1.42 -12.58
C THR B 60 14.55 -0.31 -12.05
N PHE B 61 15.07 0.91 -11.91
CA PHE B 61 14.25 2.06 -11.50
C PHE B 61 13.16 2.39 -12.50
N ASP B 62 13.33 1.95 -13.75
CA ASP B 62 12.31 2.21 -14.78
C ASP B 62 10.91 1.78 -14.32
N MET B 63 10.82 0.70 -13.52
CA MET B 63 9.54 0.23 -13.01
C MET B 63 8.83 1.31 -12.18
N LEU B 64 9.58 1.96 -11.29
CA LEU B 64 9.00 2.96 -10.42
C LEU B 64 8.78 4.28 -11.17
N ASN B 65 9.66 4.61 -12.10
CA ASN B 65 9.53 5.77 -12.95
C ASN B 65 8.21 5.68 -13.72
N ALA B 66 7.97 4.51 -14.30
CA ALA B 66 6.73 4.25 -15.02
C ALA B 66 5.49 4.43 -14.13
N LEU B 67 5.52 3.82 -12.94
CA LEU B 67 4.40 3.94 -12.01
C LEU B 67 4.08 5.39 -11.69
N ILE B 68 5.11 6.18 -11.38
CA ILE B 68 4.96 7.59 -11.05
C ILE B 68 4.44 8.38 -12.25
N GLY B 69 4.99 8.13 -13.42
CA GLY B 69 4.58 8.82 -14.62
C GLY B 69 3.15 8.55 -15.01
N LEU B 70 2.74 7.29 -14.92
CA LEU B 70 1.36 6.93 -15.26
C LEU B 70 0.38 7.45 -14.22
N GLU B 71 0.71 7.27 -12.94
CA GLU B 71 -0.16 7.73 -11.87
C GLU B 71 -0.47 9.22 -12.01
N ASN B 72 0.56 10.00 -12.37
CA ASN B 72 0.44 11.45 -12.43
C ASN B 72 0.10 11.96 -13.83
N GLN B 73 -0.29 11.04 -14.72
CA GLN B 73 -0.74 11.35 -16.07
C GLN B 73 0.25 12.19 -16.89
N LYS B 74 1.54 11.90 -16.73
CA LYS B 74 2.59 12.54 -17.51
C LYS B 74 2.83 11.81 -18.82
N THR B 75 2.28 10.59 -18.92
CA THR B 75 2.28 9.80 -20.14
C THR B 75 1.13 8.80 -20.03
N ASP B 76 0.98 7.94 -21.02
CA ASP B 76 -0.02 6.85 -21.01
C ASP B 76 0.58 5.70 -21.78
N ILE B 77 -0.03 4.52 -21.69
CA ILE B 77 0.59 3.32 -22.29
C ILE B 77 0.56 3.27 -23.83
N ASN B 78 -0.19 4.17 -24.46
CA ASN B 78 -0.26 4.20 -25.91
C ASN B 78 0.65 5.27 -26.52
N GLU B 79 1.23 6.14 -25.70
CA GLU B 79 2.05 7.24 -26.23
C GLU B 79 3.27 6.69 -26.96
N ILE B 80 3.52 7.23 -28.15
CA ILE B 80 4.73 6.90 -28.90
C ILE B 80 5.80 7.97 -28.68
N PHE B 81 6.88 7.60 -27.99
CA PHE B 81 8.01 8.51 -27.78
C PHE B 81 8.79 8.53 -29.08
N LYS B 82 8.93 9.72 -29.68
CA LYS B 82 9.50 9.83 -31.01
C LYS B 82 10.98 9.47 -30.97
N ARG B 88 22.15 6.60 -30.74
CA ARG B 88 22.01 6.28 -29.32
C ARG B 88 23.02 5.23 -28.90
N LEU B 89 23.07 4.96 -27.60
CA LEU B 89 24.05 4.05 -27.03
C LEU B 89 23.96 2.65 -27.65
N PHE B 90 22.73 2.22 -27.96
CA PHE B 90 22.47 0.93 -28.62
C PHE B 90 21.55 1.10 -29.83
N THR B 91 21.83 0.31 -30.87
CA THR B 91 21.05 0.22 -32.12
C THR B 91 19.58 0.03 -31.89
N ALA B 92 19.28 -0.95 -31.01
CA ALA B 92 17.91 -1.32 -30.69
C ALA B 92 17.06 -0.17 -30.14
N TRP B 93 17.69 0.88 -29.61
CA TRP B 93 16.95 2.03 -29.06
C TRP B 93 16.58 3.10 -30.08
N GLU B 94 17.09 2.98 -31.31
CA GLU B 94 17.05 4.09 -32.29
C GLU B 94 15.77 4.22 -33.12
N LYS B 95 14.64 4.16 -32.43
CA LYS B 95 13.31 4.12 -33.07
C LYS B 95 12.32 4.80 -32.14
N ASP B 96 11.23 5.32 -32.69
CA ASP B 96 10.13 5.73 -31.82
C ASP B 96 9.50 4.47 -31.15
N MET B 97 9.06 4.61 -29.90
CA MET B 97 8.57 3.47 -29.13
C MET B 97 7.67 3.90 -27.97
N THR B 98 6.86 2.95 -27.49
CA THR B 98 5.99 3.16 -26.34
C THR B 98 6.77 3.02 -25.05
N LEU B 99 6.16 3.44 -23.95
CA LEU B 99 6.73 3.24 -22.62
C LEU B 99 7.02 1.76 -22.35
N GLY B 100 6.12 0.88 -22.78
CA GLY B 100 6.28 -0.55 -22.52
C GLY B 100 7.39 -1.18 -23.34
N GLU B 101 7.55 -0.73 -24.57
CA GLU B 101 8.65 -1.21 -25.40
C GLU B 101 9.95 -0.70 -24.80
N ALA B 102 9.95 0.54 -24.31
CA ALA B 102 11.11 1.12 -23.64
C ALA B 102 11.47 0.37 -22.37
N MET B 103 10.45 -0.11 -21.66
CA MET B 103 10.69 -0.96 -20.49
C MET B 103 11.45 -2.24 -20.87
N LYS B 104 10.96 -2.95 -21.89
CA LYS B 104 11.57 -4.18 -22.35
C LYS B 104 13.02 -3.97 -22.79
N LEU B 105 13.27 -2.89 -23.51
CA LEU B 105 14.60 -2.58 -24.04
C LEU B 105 15.49 -1.82 -23.07
N SER B 106 14.95 -1.37 -21.94
CA SER B 106 15.66 -0.50 -21.00
C SER B 106 16.21 0.74 -21.70
N ALA B 107 15.37 1.34 -22.54
CA ALA B 107 15.77 2.49 -23.33
C ALA B 107 15.80 3.74 -22.48
N VAL B 108 16.98 4.05 -21.98
CA VAL B 108 17.12 5.11 -20.98
C VAL B 108 16.70 6.52 -21.48
N PRO B 109 16.83 6.82 -22.80
CA PRO B 109 16.37 8.17 -23.21
C PRO B 109 14.88 8.43 -22.99
N VAL B 110 14.08 7.38 -23.14
CA VAL B 110 12.65 7.48 -22.91
C VAL B 110 12.39 7.73 -21.42
N TYR B 111 13.05 6.95 -20.56
CA TYR B 111 12.87 7.12 -19.11
C TYR B 111 13.45 8.43 -18.60
N GLN B 112 14.48 8.94 -19.27
CA GLN B 112 14.97 10.28 -18.95
C GLN B 112 13.95 11.33 -19.34
N GLU B 113 13.35 11.20 -20.52
CA GLU B 113 12.30 12.13 -20.96
C GLU B 113 11.14 12.15 -19.95
N LEU B 114 10.72 10.95 -19.54
CA LEU B 114 9.62 10.83 -18.59
C LEU B 114 9.97 11.46 -17.24
N ALA B 115 11.17 11.18 -16.74
CA ALA B 115 11.64 11.80 -15.49
C ALA B 115 11.56 13.32 -15.54
N ARG B 116 11.94 13.93 -16.67
N ARG B 116 11.94 13.91 -16.67
CA ARG B 116 11.92 15.38 -16.80
CA ARG B 116 11.90 15.38 -16.85
C ARG B 116 10.48 15.93 -16.80
C ARG B 116 10.48 15.92 -16.80
N ARG B 117 9.52 15.14 -17.30
CA ARG B 117 8.12 15.54 -17.27
C ARG B 117 7.57 15.52 -15.86
N ILE B 118 7.94 14.47 -15.13
CA ILE B 118 7.59 14.34 -13.72
C ILE B 118 8.13 15.53 -12.95
N GLY B 119 9.41 15.83 -13.16
CA GLY B 119 10.06 16.96 -12.51
C GLY B 119 10.58 16.58 -11.15
N LEU B 120 11.57 17.32 -10.66
CA LEU B 120 12.28 16.98 -9.43
C LEU B 120 11.37 16.94 -8.19
N ASP B 121 10.50 17.94 -8.07
CA ASP B 121 9.64 18.07 -6.90
C ASP B 121 8.72 16.83 -6.75
N LEU B 122 8.00 16.50 -7.81
CA LEU B 122 7.08 15.35 -7.77
C LEU B 122 7.84 14.04 -7.62
N MET B 123 8.98 13.92 -8.32
CA MET B 123 9.80 12.71 -8.22
C MET B 123 10.28 12.45 -6.80
N GLN B 124 10.82 13.47 -6.13
CA GLN B 124 11.32 13.29 -4.77
C GLN B 124 10.17 13.00 -3.82
N LYS B 125 9.03 13.65 -4.01
CA LYS B 125 7.88 13.41 -3.14
C LYS B 125 7.39 11.96 -3.26
N GLU B 126 7.32 11.47 -4.49
CA GLU B 126 6.85 10.11 -4.76
C GLU B 126 7.85 9.06 -4.28
N VAL B 127 9.14 9.27 -4.58
CA VAL B 127 10.16 8.31 -4.14
C VAL B 127 10.23 8.22 -2.62
N LYS B 128 10.06 9.36 -1.94
CA LYS B 128 10.01 9.36 -0.47
C LYS B 128 8.75 8.68 0.06
N ARG B 129 7.61 8.91 -0.59
CA ARG B 129 6.35 8.25 -0.21
C ARG B 129 6.47 6.72 -0.34
N ILE B 130 6.95 6.24 -1.49
CA ILE B 130 7.20 4.80 -1.67
C ILE B 130 8.28 4.30 -0.70
N GLY B 131 9.30 5.12 -0.46
CA GLY B 131 10.41 4.70 0.39
C GLY B 131 11.34 3.71 -0.30
N PHE B 132 11.60 3.95 -1.59
CA PHE B 132 12.42 3.05 -2.38
C PHE B 132 13.91 3.23 -2.04
N GLY B 133 14.54 2.18 -1.54
CA GLY B 133 15.96 2.24 -1.19
C GLY B 133 16.23 3.33 -0.18
N ASN B 134 17.28 4.11 -0.41
CA ASN B 134 17.58 5.23 0.48
C ASN B 134 16.73 6.45 0.18
N ALA B 135 15.91 6.38 -0.88
CA ALA B 135 14.96 7.43 -1.22
C ALA B 135 15.62 8.80 -1.47
N GLU B 136 16.86 8.81 -1.92
CA GLU B 136 17.60 10.07 -2.16
C GLU B 136 17.71 10.29 -3.66
N ILE B 137 17.17 11.39 -4.18
CA ILE B 137 17.31 11.64 -5.62
C ILE B 137 18.20 12.86 -5.99
N GLY B 138 18.59 13.65 -4.99
CA GLY B 138 19.47 14.80 -5.24
C GLY B 138 18.83 15.89 -6.08
N GLN B 139 19.64 16.56 -6.91
CA GLN B 139 19.19 17.71 -7.70
C GLN B 139 19.06 17.45 -9.20
N GLN B 140 19.55 16.31 -9.66
CA GLN B 140 19.52 15.97 -11.08
C GLN B 140 18.42 14.94 -11.36
N VAL B 141 17.29 15.41 -11.87
CA VAL B 141 16.09 14.57 -12.08
C VAL B 141 16.27 13.45 -13.12
N ASP B 142 17.23 13.61 -14.04
CA ASP B 142 17.35 12.69 -15.17
C ASP B 142 18.44 11.60 -15.08
N ASN B 143 19.17 11.50 -13.97
CA ASN B 143 20.17 10.44 -13.83
C ASN B 143 20.45 9.94 -12.43
N PHE B 144 19.58 10.28 -11.48
CA PHE B 144 19.78 9.91 -10.07
C PHE B 144 19.73 8.41 -9.77
N TRP B 145 19.06 7.65 -10.63
CA TRP B 145 18.99 6.19 -10.53
C TRP B 145 20.16 5.48 -11.26
N LEU B 146 20.96 6.24 -12.02
CA LEU B 146 22.08 5.67 -12.78
C LEU B 146 23.45 5.82 -12.09
N VAL B 147 23.71 7.01 -11.53
CA VAL B 147 25.02 7.33 -10.99
C VAL B 147 25.00 7.71 -9.50
N GLY B 148 23.87 7.50 -8.85
CA GLY B 148 23.66 8.00 -7.48
C GLY B 148 22.97 9.35 -7.50
N PRO B 149 22.48 9.84 -6.34
CA PRO B 149 22.62 9.28 -5.00
C PRO B 149 21.64 8.15 -4.65
N LEU B 150 20.68 7.83 -5.52
CA LEU B 150 19.71 6.75 -5.20
C LEU B 150 20.39 5.39 -5.17
N LYS B 151 20.22 4.68 -4.06
CA LYS B 151 20.70 3.30 -3.93
C LYS B 151 19.66 2.45 -3.23
N VAL B 152 19.75 1.15 -3.44
CA VAL B 152 18.75 0.18 -2.99
C VAL B 152 19.45 -1.18 -2.81
N THR B 153 19.03 -1.96 -1.82
CA THR B 153 19.55 -3.33 -1.63
C THR B 153 18.71 -4.36 -2.41
N PRO B 154 19.30 -5.54 -2.74
CA PRO B 154 18.53 -6.60 -3.38
C PRO B 154 17.28 -7.05 -2.59
N ILE B 155 17.38 -7.04 -1.26
CA ILE B 155 16.22 -7.36 -0.42
C ILE B 155 15.11 -6.31 -0.61
N GLN B 156 15.49 -5.03 -0.66
CA GLN B 156 14.52 -3.98 -0.91
C GLN B 156 13.89 -4.12 -2.31
N GLU B 157 14.69 -4.51 -3.30
CA GLU B 157 14.17 -4.70 -4.66
C GLU B 157 13.17 -5.87 -4.73
N VAL B 158 13.47 -6.99 -4.06
CA VAL B 158 12.54 -8.15 -4.10
C VAL B 158 11.22 -7.81 -3.40
N GLU B 159 11.30 -7.05 -2.30
CA GLU B 159 10.11 -6.60 -1.58
C GLU B 159 9.25 -5.64 -2.43
N PHE B 160 9.90 -4.72 -3.13
CA PHE B 160 9.23 -3.83 -4.05
C PHE B 160 8.50 -4.58 -5.17
N VAL B 161 9.21 -5.52 -5.81
CA VAL B 161 8.66 -6.19 -6.95
C VAL B 161 7.58 -7.20 -6.51
N SER B 162 7.73 -7.77 -5.34
CA SER B 162 6.70 -8.62 -4.75
C SER B 162 5.38 -7.81 -4.54
N GLN B 163 5.52 -6.58 -4.05
CA GLN B 163 4.36 -5.71 -3.85
C GLN B 163 3.72 -5.34 -5.16
N LEU B 164 4.53 -5.07 -6.18
CA LEU B 164 4.00 -4.81 -7.52
C LEU B 164 3.18 -6.01 -8.01
N ALA B 165 3.79 -7.20 -7.94
CA ALA B 165 3.13 -8.45 -8.38
C ALA B 165 1.78 -8.68 -7.69
N HIS B 166 1.71 -8.38 -6.39
CA HIS B 166 0.50 -8.53 -5.60
C HIS B 166 -0.46 -7.31 -5.62
N THR B 167 -0.14 -6.27 -6.40
CA THR B 167 -0.94 -5.05 -6.49
C THR B 167 -1.08 -4.42 -5.08
N GLN B 168 0.01 -4.42 -4.33
CA GLN B 168 0.05 -3.85 -2.98
C GLN B 168 0.83 -2.52 -2.87
N LEU B 169 1.39 -2.03 -3.97
CA LEU B 169 2.05 -0.73 -3.93
C LEU B 169 0.98 0.36 -3.80
N PRO B 170 1.37 1.54 -3.29
CA PRO B 170 0.37 2.60 -3.09
C PRO B 170 0.18 3.48 -4.35
N PHE B 171 -0.31 2.82 -5.39
CA PHE B 171 -0.67 3.42 -6.65
C PHE B 171 -2.00 2.82 -7.08
N SER B 172 -2.61 3.41 -8.10
CA SER B 172 -3.86 2.89 -8.59
C SER B 172 -3.68 1.47 -9.09
N GLU B 173 -4.75 0.68 -8.96
CA GLU B 173 -4.75 -0.70 -9.43
C GLU B 173 -4.46 -0.77 -10.91
N LYS B 174 -5.09 0.09 -11.71
CA LYS B 174 -4.88 0.10 -13.18
C LYS B 174 -3.44 0.43 -13.55
N VAL B 175 -2.84 1.38 -12.85
CA VAL B 175 -1.46 1.76 -13.12
C VAL B 175 -0.53 0.58 -12.82
N GLN B 176 -0.76 -0.11 -11.71
CA GLN B 176 0.07 -1.26 -11.36
C GLN B 176 -0.10 -2.38 -12.38
N ALA B 177 -1.33 -2.63 -12.81
CA ALA B 177 -1.58 -3.66 -13.81
C ALA B 177 -0.85 -3.33 -15.10
N ASN B 178 -0.87 -2.05 -15.47
CA ASN B 178 -0.27 -1.62 -16.71
C ASN B 178 1.25 -1.76 -16.71
N VAL B 179 1.88 -1.47 -15.58
CA VAL B 179 3.31 -1.67 -15.48
C VAL B 179 3.67 -3.15 -15.44
N LYS B 180 2.95 -3.94 -14.67
CA LYS B 180 3.14 -5.40 -14.70
C LYS B 180 3.10 -5.93 -16.13
N ASN B 181 2.15 -5.45 -16.92
CA ASN B 181 1.99 -5.90 -18.32
C ASN B 181 3.16 -5.58 -19.24
N MET B 182 4.03 -4.65 -18.82
CA MET B 182 5.22 -4.32 -19.57
C MET B 182 6.39 -5.25 -19.27
N LEU B 183 6.22 -6.11 -18.28
CA LEU B 183 7.35 -6.83 -17.72
C LEU B 183 7.39 -8.31 -18.04
N LEU B 184 6.48 -8.83 -18.88
CA LEU B 184 6.48 -10.25 -19.15
C LEU B 184 7.70 -10.63 -20.01
N LEU B 185 8.52 -11.54 -19.50
CA LEU B 185 9.77 -11.92 -20.15
C LEU B 185 9.66 -13.24 -20.91
N GLU B 186 9.02 -14.21 -20.28
CA GLU B 186 8.98 -15.55 -20.82
C GLU B 186 7.74 -16.26 -20.27
N GLU B 187 7.24 -17.22 -21.04
CA GLU B 187 6.03 -17.94 -20.69
C GLU B 187 6.10 -19.34 -21.29
N SER B 188 5.95 -20.35 -20.43
CA SER B 188 5.96 -21.75 -20.88
C SER B 188 5.48 -22.68 -19.78
N ASN B 189 4.82 -23.77 -20.19
CA ASN B 189 4.34 -24.80 -19.28
C ASN B 189 3.41 -24.25 -18.20
N GLY B 190 2.65 -23.22 -18.54
CA GLY B 190 1.73 -22.58 -17.61
C GLY B 190 2.34 -21.53 -16.68
N TYR B 191 3.67 -21.47 -16.61
CA TYR B 191 4.39 -20.51 -15.75
C TYR B 191 4.69 -19.24 -16.52
N LYS B 192 4.54 -18.08 -15.87
CA LYS B 192 4.95 -16.82 -16.46
C LYS B 192 6.09 -16.24 -15.65
N ILE B 193 7.05 -15.66 -16.36
CA ILE B 193 8.16 -14.97 -15.71
CA ILE B 193 8.18 -14.99 -15.73
C ILE B 193 8.15 -13.53 -16.13
N PHE B 194 8.05 -12.65 -15.13
CA PHE B 194 8.08 -11.24 -15.34
C PHE B 194 9.40 -10.75 -14.79
N GLY B 195 9.93 -9.71 -15.37
CA GLY B 195 11.12 -9.13 -14.77
C GLY B 195 11.77 -8.03 -15.54
N LYS B 196 12.80 -7.51 -14.90
CA LYS B 196 13.47 -6.34 -15.36
C LYS B 196 14.94 -6.51 -15.07
N THR B 197 15.74 -6.32 -16.09
CA THR B 197 17.17 -6.36 -15.93
C THR B 197 17.75 -4.97 -15.76
N GLY B 198 18.98 -4.95 -15.27
CA GLY B 198 19.77 -3.74 -15.17
C GLY B 198 21.24 -4.06 -15.22
N TRP B 199 22.03 -3.12 -15.73
CA TRP B 199 23.46 -3.26 -15.73
C TRP B 199 24.09 -1.88 -15.63
N ALA B 200 24.71 -1.60 -14.49
CA ALA B 200 25.51 -0.37 -14.32
C ALA B 200 26.91 -0.68 -14.81
N MET B 201 27.20 -0.24 -16.04
CA MET B 201 28.40 -0.61 -16.76
C MET B 201 29.58 0.30 -16.49
N ASN B 202 29.31 1.53 -16.06
CA ASN B 202 30.34 2.56 -16.10
C ASN B 202 30.96 2.86 -14.73
N ILE B 203 31.35 1.80 -14.03
CA ILE B 203 31.91 1.92 -12.68
C ILE B 203 32.94 0.82 -12.42
N LYS B 204 33.71 0.99 -11.36
CA LYS B 204 34.80 0.06 -11.01
C LYS B 204 34.24 -1.33 -10.70
N SER B 205 33.10 -1.37 -10.01
CA SER B 205 32.45 -2.65 -9.69
C SER B 205 31.07 -2.72 -10.37
N GLN B 206 31.05 -3.30 -11.57
CA GLN B 206 29.83 -3.29 -12.38
C GLN B 206 28.75 -4.12 -11.71
N VAL B 207 27.53 -3.61 -11.68
CA VAL B 207 26.40 -4.29 -11.03
C VAL B 207 25.38 -4.76 -12.03
N GLY B 208 25.01 -6.04 -11.91
CA GLY B 208 24.01 -6.66 -12.74
C GLY B 208 22.79 -7.04 -11.93
N TRP B 209 21.62 -6.63 -12.41
CA TRP B 209 20.36 -6.89 -11.76
C TRP B 209 19.45 -7.71 -12.67
N LEU B 210 18.67 -8.62 -12.06
CA LEU B 210 17.47 -9.20 -12.69
C LEU B 210 16.44 -9.42 -11.57
N THR B 211 15.40 -8.60 -11.60
CA THR B 211 14.44 -8.52 -10.53
C THR B 211 13.04 -8.73 -11.13
N GLY B 212 12.25 -9.57 -10.48
CA GLY B 212 10.94 -9.89 -11.02
C GLY B 212 10.21 -10.93 -10.22
N TRP B 213 9.32 -11.66 -10.90
CA TRP B 213 8.61 -12.74 -10.25
C TRP B 213 8.15 -13.81 -11.22
N VAL B 214 7.90 -14.98 -10.65
CA VAL B 214 7.25 -16.09 -11.33
C VAL B 214 5.79 -16.16 -10.89
N GLU B 215 4.89 -16.25 -11.86
CA GLU B 215 3.50 -16.58 -11.59
C GLU B 215 3.31 -18.03 -12.03
N GLN B 216 3.04 -18.89 -11.06
CA GLN B 216 2.89 -20.32 -11.28
C GLN B 216 1.49 -20.64 -11.85
N PRO B 217 1.29 -21.86 -12.40
CA PRO B 217 -0.03 -22.17 -13.01
C PRO B 217 -1.27 -21.88 -12.15
N ASP B 218 -1.18 -22.17 -10.85
CA ASP B 218 -2.27 -21.87 -9.90
C ASP B 218 -2.38 -20.40 -9.47
N GLY B 219 -1.50 -19.53 -9.97
CA GLY B 219 -1.55 -18.10 -9.63
C GLY B 219 -0.60 -17.66 -8.53
N LYS B 220 0.04 -18.60 -7.84
CA LYS B 220 0.97 -18.27 -6.76
C LYS B 220 2.19 -17.50 -7.29
N ILE B 221 2.64 -16.51 -6.51
CA ILE B 221 3.72 -15.61 -6.89
C ILE B 221 5.00 -15.96 -6.10
N VAL B 222 6.10 -16.15 -6.81
CA VAL B 222 7.42 -16.26 -6.20
C VAL B 222 8.29 -15.15 -6.77
N ALA B 223 8.68 -14.19 -5.93
CA ALA B 223 9.47 -13.03 -6.38
C ALA B 223 10.97 -13.28 -6.23
N PHE B 224 11.77 -12.65 -7.10
CA PHE B 224 13.22 -12.82 -7.08
C PHE B 224 13.95 -11.50 -7.32
N ALA B 225 15.15 -11.43 -6.79
CA ALA B 225 16.10 -10.38 -7.18
C ALA B 225 17.50 -10.95 -7.22
N LEU B 226 18.04 -11.01 -8.44
CA LEU B 226 19.41 -11.44 -8.66
CA LEU B 226 19.41 -11.44 -8.67
C LEU B 226 20.27 -10.20 -8.73
N ASN B 227 21.39 -10.21 -7.99
CA ASN B 227 22.34 -9.11 -7.99
C ASN B 227 23.75 -9.71 -8.00
N MET B 228 24.53 -9.36 -9.01
CA MET B 228 25.85 -9.94 -9.21
C MET B 228 26.82 -8.94 -9.82
N GLU B 229 28.10 -9.22 -9.61
CA GLU B 229 29.17 -8.43 -10.20
C GLU B 229 29.35 -8.87 -11.66
N MET B 230 29.24 -7.91 -12.57
CA MET B 230 29.37 -8.17 -14.01
C MET B 230 30.79 -7.88 -14.47
N ARG B 231 31.23 -8.53 -15.52
CA ARG B 231 32.43 -8.16 -16.25
C ARG B 231 32.01 -7.78 -17.67
N SER B 232 32.78 -6.88 -18.27
CA SER B 232 32.51 -6.41 -19.63
C SER B 232 32.53 -7.53 -20.66
N GLU B 233 33.31 -8.59 -20.42
CA GLU B 233 33.39 -9.75 -21.34
C GLU B 233 32.12 -10.64 -21.34
N MET B 234 31.25 -10.50 -20.35
CA MET B 234 30.05 -11.35 -20.23
C MET B 234 28.99 -10.94 -21.22
N PRO B 235 28.24 -11.92 -21.76
CA PRO B 235 26.99 -11.61 -22.43
C PRO B 235 25.95 -11.15 -21.39
N ALA B 236 25.10 -10.18 -21.75
CA ALA B 236 24.04 -9.72 -20.86
C ALA B 236 23.14 -10.88 -20.43
N SER B 237 22.95 -11.85 -21.34
CA SER B 237 22.09 -13.01 -21.06
C SER B 237 22.58 -13.94 -19.95
N ILE B 238 23.79 -13.75 -19.46
CA ILE B 238 24.30 -14.54 -18.33
C ILE B 238 23.38 -14.43 -17.10
N ARG B 239 22.75 -13.27 -16.92
CA ARG B 239 21.88 -13.06 -15.77
C ARG B 239 20.65 -13.95 -15.88
N ASN B 240 20.03 -13.93 -17.05
CA ASN B 240 18.85 -14.76 -17.33
C ASN B 240 19.22 -16.24 -17.23
N GLU B 241 20.38 -16.60 -17.75
CA GLU B 241 20.84 -17.99 -17.69
C GLU B 241 21.03 -18.50 -16.26
N LEU B 242 21.69 -17.70 -15.44
CA LEU B 242 21.88 -18.03 -14.03
C LEU B 242 20.57 -18.10 -13.25
N LEU B 243 19.67 -17.15 -13.53
CA LEU B 243 18.37 -17.12 -12.86
C LEU B 243 17.58 -18.41 -13.15
N MET B 244 17.42 -18.73 -14.44
CA MET B 244 16.58 -19.86 -14.84
C MET B 244 17.13 -21.17 -14.31
N LYS B 245 18.45 -21.33 -14.34
CA LYS B 245 19.10 -22.48 -13.72
C LYS B 245 18.77 -22.60 -12.25
N SER B 246 18.80 -21.47 -11.57
CA SER B 246 18.57 -21.46 -10.13
C SER B 246 17.08 -21.72 -9.80
N LEU B 247 16.18 -21.10 -10.55
CA LEU B 247 14.75 -21.31 -10.31
C LEU B 247 14.34 -22.77 -10.55
N LYS B 248 14.89 -23.40 -11.59
CA LYS B 248 14.64 -24.81 -11.87
C LYS B 248 15.18 -25.66 -10.71
N GLN B 249 16.37 -25.34 -10.23
CA GLN B 249 16.97 -26.08 -9.12
C GLN B 249 16.12 -26.02 -7.84
N LEU B 250 15.52 -24.86 -7.59
CA LEU B 250 14.65 -24.66 -6.42
C LEU B 250 13.21 -25.11 -6.65
N ASN B 251 12.94 -25.67 -7.82
CA ASN B 251 11.60 -26.13 -8.21
C ASN B 251 10.50 -25.07 -8.18
N ILE B 252 10.91 -23.83 -8.45
CA ILE B 252 9.99 -22.71 -8.58
C ILE B 252 9.39 -22.74 -9.98
N ILE B 253 10.16 -23.24 -10.94
CA ILE B 253 9.68 -23.54 -12.28
C ILE B 253 10.07 -24.96 -12.65
CAA 4J6 C . -24.46 1.61 10.79
CAB 4J6 C . -25.90 4.20 14.45
OAD 4J6 C . -21.70 2.57 12.86
OAE 4J6 C . -22.38 7.82 15.96
OAH 4J6 C . -21.26 5.95 15.65
OAI 4J6 C . -26.11 3.28 11.33
CAJ 4J6 C . -22.41 3.18 12.03
CAK 4J6 C . -26.48 8.90 14.55
CAM 4J6 C . -27.09 8.81 16.90
NAN 4J6 C . -22.97 5.40 13.47
NAO 4J6 C . -26.99 10.22 14.93
SAQ 4J6 C . -25.32 6.92 16.03
CAR 4J6 C . -22.25 6.62 15.41
CAS 4J6 C . -23.27 6.09 14.53
CAT 4J6 C . -24.71 3.08 11.10
CAU 4J6 C . -25.27 5.34 13.67
CAV 4J6 C . -27.27 10.22 16.39
CAW 4J6 C . -26.73 7.94 15.70
CAX 4J6 C . -23.88 3.49 12.31
CAY 4J6 C . -24.11 4.95 12.71
CAZ 4J6 C . -24.58 6.17 14.70
CAA 4J6 D . 21.28 2.41 -17.82
CAB 4J6 D . 23.02 -1.07 -20.21
NAC 4J6 D . 24.28 -9.49 -25.31
OAD 4J6 D . 20.50 -0.77 -16.29
OAE 4J6 D . 20.03 -4.98 -18.38
OAF 4J6 D . 25.71 -8.26 -23.66
OAG 4J6 D . 26.54 -8.66 -25.77
OAH 4J6 D . 19.41 -5.23 -20.45
OAI 4J6 D . 21.27 1.79 -20.15
CAJ 4J6 D . 20.02 -0.27 -17.32
CAK 4J6 D . 21.30 -3.91 -24.13
CAL 4J6 D . 23.42 -6.54 -25.24
CAM 4J6 D . 23.66 -4.41 -23.86
NAN 4J6 D . 19.91 -2.10 -19.25
NAO 4J6 D . 21.74 -4.69 -25.30
NAP 4J6 D . 24.83 -6.86 -25.57
SAQ 4J6 D . 22.31 -3.94 -21.57
CAR 4J6 D . 19.97 -4.51 -19.50
CAS 4J6 D . 20.43 -3.18 -19.82
CAT 4J6 D . 20.68 1.51 -18.88
CAU 4J6 D . 21.59 -1.35 -20.68
CAV 4J6 D . 23.18 -5.02 -25.18
CAW 4J6 D . 22.53 -3.57 -23.28
CAX 4J6 D . 20.87 0.04 -18.55
CAY 4J6 D . 20.47 -0.86 -19.71
CAZ 4J6 D . 21.38 -2.84 -20.69
SBA 4J6 D . 25.36 -8.32 -25.06
#